data_3IM9
#
_entry.id   3IM9
#
_cell.length_a   42.157
_cell.length_b   87.914
_cell.length_c   43.237
_cell.angle_alpha   90.000
_cell.angle_beta   104.000
_cell.angle_gamma   90.000
#
_symmetry.space_group_name_H-M   'P 1 21 1'
#
loop_
_entity.id
_entity.type
_entity.pdbx_description
1 polymer 'Malonyl CoA-acyl carrier protein transacylase'
2 non-polymer 'CALCIUM ION'
3 non-polymer 'ACETATE ION'
4 non-polymer 'SULFATE ION'
5 water water
#
_entity_poly.entity_id   1
_entity_poly.type   'polypeptide(L)'
_entity_poly.pdbx_seq_one_letter_code
;HSSGLVPRGSHMAIIFPGQGAQKVGMAQDLFNNNDQATEILTSAAKTLDFDILETMFTDEEGKLGETENTQPALLTHSSA
LLAALKNLNPDFTMGHSLGEYSSLVAADVLSFEDAVKIVRKRGQLMAQAFPTGVGSMAAVLGLDFDKVDEICKSLSSDDK
IIEPANINCPGQIVVSGHKALIDELVEKGKSLGAKRVMPLAVSGPFHSSLMKVIEEDFSSYINQFEWRDAKFPVVQNVNA
QGETDKEVIKSNMVKQLYSPVQFINSTEWLIDQGVDHFIEIGPGKVLSGLIKKINRDVKLTSIQTLEDVKGWNEND
;
_entity_poly.pdbx_strand_id   A
#
loop_
_chem_comp.id
_chem_comp.type
_chem_comp.name
_chem_comp.formula
ACT non-polymer 'ACETATE ION' 'C2 H3 O2 -1'
CA non-polymer 'CALCIUM ION' 'Ca 2'
SO4 non-polymer 'SULFATE ION' 'O4 S -2'
#
# COMPACT_ATOMS: atom_id res chain seq x y z
N HIS A 1 28.71 10.30 -17.98
CA HIS A 1 30.02 10.98 -17.61
C HIS A 1 30.80 11.59 -18.79
N SER A 2 32.10 11.84 -18.58
CA SER A 2 32.97 12.36 -19.67
C SER A 2 33.11 11.48 -20.98
N SER A 3 32.70 10.20 -20.94
CA SER A 3 32.71 9.36 -22.12
C SER A 3 31.49 9.70 -23.02
N GLY A 4 30.51 10.42 -22.50
CA GLY A 4 29.22 10.77 -23.13
C GLY A 4 28.20 9.63 -23.09
N LEU A 5 28.56 8.57 -22.37
CA LEU A 5 27.69 7.36 -22.20
C LEU A 5 27.12 7.41 -20.77
N VAL A 6 25.85 7.73 -20.68
CA VAL A 6 25.17 7.88 -19.38
C VAL A 6 24.47 6.51 -19.12
N PRO A 7 24.90 5.78 -18.09
CA PRO A 7 24.35 4.43 -17.79
C PRO A 7 22.92 4.52 -17.35
N ARG A 8 22.14 3.51 -17.70
CA ARG A 8 20.78 3.40 -17.20
C ARG A 8 20.97 3.33 -15.63
N GLY A 9 20.30 4.22 -14.95
CA GLY A 9 20.47 4.40 -13.52
C GLY A 9 20.14 5.82 -13.22
N SER A 10 20.31 6.17 -11.98
CA SER A 10 20.01 7.50 -11.54
C SER A 10 18.59 7.89 -11.65
N HIS A 11 17.67 6.92 -11.71
CA HIS A 11 16.29 7.27 -11.68
C HIS A 11 15.88 6.99 -10.25
N MET A 12 14.89 7.71 -9.82
CA MET A 12 14.42 7.68 -8.44
C MET A 12 12.89 7.44 -8.42
N ALA A 13 12.47 6.63 -7.47
CA ALA A 13 11.02 6.40 -7.32
C ALA A 13 10.63 6.72 -5.87
N ILE A 14 9.51 7.43 -5.71
CA ILE A 14 8.97 7.64 -4.38
C ILE A 14 7.90 6.59 -4.13
N ILE A 15 7.91 6.02 -2.93
CA ILE A 15 7.04 4.85 -2.71
C ILE A 15 6.33 5.03 -1.38
N PHE A 16 5.14 4.43 -1.28
CA PHE A 16 4.25 4.77 -0.13
C PHE A 16 3.76 3.46 0.52
N PRO A 17 3.86 3.33 1.85
CA PRO A 17 3.38 2.13 2.55
C PRO A 17 1.87 2.16 2.73
N GLY A 18 1.37 0.99 3.05
CA GLY A 18 -0.06 0.74 3.31
C GLY A 18 -0.31 0.19 4.71
N GLN A 19 -1.47 -0.45 4.80
CA GLN A 19 -1.92 -1.07 6.12
C GLN A 19 -0.81 -1.86 6.73
N GLY A 20 -0.60 -1.64 8.02
CA GLY A 20 0.52 -2.31 8.72
C GLY A 20 1.65 -1.38 9.07
N ALA A 21 1.76 -0.25 8.37
CA ALA A 21 2.78 0.71 8.72
C ALA A 21 2.35 1.83 9.71
N GLN A 22 1.05 1.89 10.03
CA GLN A 22 0.55 2.96 10.91
C GLN A 22 1.16 2.84 12.32
N LYS A 23 1.09 3.94 13.06
CA LYS A 23 1.48 3.94 14.47
C LYS A 23 0.83 5.09 15.14
N VAL A 24 0.35 4.87 16.39
CA VAL A 24 -0.18 5.98 17.14
C VAL A 24 0.91 7.02 17.33
N GLY A 25 0.56 8.26 16.99
CA GLY A 25 1.48 9.39 17.06
C GLY A 25 1.87 9.86 15.66
N MET A 26 1.51 9.09 14.64
CA MET A 26 1.91 9.41 13.25
C MET A 26 1.47 10.80 12.84
N ALA A 27 2.47 11.57 12.34
CA ALA A 27 2.29 12.95 11.84
C ALA A 27 2.14 13.98 12.96
N GLN A 28 2.21 13.56 14.22
CA GLN A 28 1.98 14.57 15.29
C GLN A 28 3.09 15.65 15.26
N ASP A 29 4.26 15.29 14.76
CA ASP A 29 5.34 16.22 14.67
C ASP A 29 5.17 17.22 13.56
N LEU A 30 4.38 16.91 12.55
CA LEU A 30 4.17 17.86 11.44
C LEU A 30 3.17 18.95 11.78
N PHE A 31 2.13 18.57 12.54
CA PHE A 31 0.95 19.41 12.65
C PHE A 31 1.35 20.74 13.35
N ASN A 32 0.99 21.82 12.65
CA ASN A 32 1.34 23.21 13.12
C ASN A 32 2.80 23.48 13.21
N ASN A 33 3.63 22.63 12.61
CA ASN A 33 5.08 22.86 12.51
C ASN A 33 5.61 22.98 11.10
N ASN A 34 4.73 22.75 10.13
CA ASN A 34 5.08 22.91 8.76
C ASN A 34 3.87 23.30 8.02
N ASP A 35 3.86 24.46 7.31
CA ASP A 35 2.63 24.96 6.74
C ASP A 35 2.02 24.03 5.69
N GLN A 36 2.89 23.43 4.88
CA GLN A 36 2.38 22.59 3.77
C GLN A 36 1.79 21.32 4.35
N ALA A 37 2.53 20.69 5.29
CA ALA A 37 1.98 19.50 5.90
C ALA A 37 0.71 19.83 6.63
N THR A 38 0.59 20.96 7.31
CA THR A 38 -0.59 21.26 8.06
C THR A 38 -1.80 21.53 7.20
N GLU A 39 -1.56 22.09 6.02
CA GLU A 39 -2.66 22.21 5.05
C GLU A 39 -3.32 20.84 4.70
N ILE A 40 -2.47 19.83 4.53
CA ILE A 40 -2.97 18.50 4.23
C ILE A 40 -3.69 17.94 5.45
N LEU A 41 -3.06 18.04 6.62
CA LEU A 41 -3.70 17.47 7.83
C LEU A 41 -5.03 18.13 8.11
N THR A 42 -5.12 19.46 7.97
CA THR A 42 -6.37 20.18 8.21
C THR A 42 -7.36 19.89 7.10
N SER A 43 -6.88 19.62 5.89
CA SER A 43 -7.85 19.23 4.83
C SER A 43 -8.55 17.95 5.20
N ALA A 44 -7.75 16.97 5.65
CA ALA A 44 -8.31 15.66 6.04
C ALA A 44 -9.30 15.87 7.20
N ALA A 45 -8.89 16.66 8.19
CA ALA A 45 -9.78 16.95 9.37
C ALA A 45 -11.12 17.58 8.94
N LYS A 46 -11.05 18.53 7.97
CA LYS A 46 -12.30 19.20 7.56
C LYS A 46 -13.11 18.29 6.67
N THR A 47 -12.53 17.27 6.02
CA THR A 47 -13.28 16.46 5.07
C THR A 47 -13.94 15.28 5.68
N LEU A 48 -13.25 14.59 6.59
CA LEU A 48 -13.76 13.35 7.12
C LEU A 48 -14.79 13.45 8.24
N ASP A 49 -15.64 12.43 8.34
CA ASP A 49 -16.73 12.38 9.30
C ASP A 49 -16.32 11.76 10.65
N PHE A 50 -15.00 11.55 10.89
CA PHE A 50 -14.58 11.18 12.22
C PHE A 50 -13.33 12.03 12.52
N ASP A 51 -12.85 11.97 13.78
CA ASP A 51 -11.73 12.80 14.18
C ASP A 51 -10.45 12.10 13.78
N ILE A 52 -10.11 12.33 12.51
CA ILE A 52 -8.91 11.65 11.94
C ILE A 52 -7.62 12.03 12.66
N LEU A 53 -7.50 13.32 13.02
CA LEU A 53 -6.26 13.68 13.67
C LEU A 53 -6.10 13.10 15.09
N GLU A 54 -7.21 13.03 15.84
CA GLU A 54 -7.16 12.39 17.18
C GLU A 54 -6.79 10.92 16.98
N THR A 55 -7.37 10.35 15.93
CA THR A 55 -7.15 8.91 15.68
C THR A 55 -5.69 8.64 15.32
N MET A 56 -5.08 9.56 14.54
CA MET A 56 -3.67 9.45 14.19
C MET A 56 -2.73 9.71 15.42
N PHE A 57 -3.02 10.76 16.18
CA PHE A 57 -2.06 11.22 17.16
C PHE A 57 -2.16 10.57 18.53
N THR A 58 -3.35 10.26 19.03
CA THR A 58 -3.48 9.71 20.36
C THR A 58 -4.37 8.43 20.37
N ASP A 59 -5.30 8.27 19.42
CA ASP A 59 -6.17 7.10 19.25
C ASP A 59 -6.77 6.62 20.58
N GLU A 60 -7.52 7.49 21.20
CA GLU A 60 -8.05 7.08 22.52
C GLU A 60 -9.11 5.95 22.36
N GLU A 61 -9.75 5.80 21.20
CA GLU A 61 -10.72 4.74 20.89
C GLU A 61 -10.04 3.45 20.40
N GLY A 62 -8.72 3.41 20.31
CA GLY A 62 -7.98 2.23 19.81
C GLY A 62 -8.49 1.74 18.45
N LYS A 63 -8.84 2.67 17.55
CA LYS A 63 -9.41 2.33 16.24
C LYS A 63 -8.46 2.66 15.04
N LEU A 64 -7.26 3.10 15.35
CA LEU A 64 -6.33 3.50 14.23
C LEU A 64 -6.03 2.30 13.29
N GLY A 65 -5.99 1.10 13.87
CA GLY A 65 -5.70 -0.10 13.07
C GLY A 65 -6.90 -0.73 12.39
N GLU A 66 -8.10 -0.14 12.50
CA GLU A 66 -9.27 -0.63 11.75
C GLU A 66 -9.19 0.07 10.42
N THR A 67 -9.11 -0.71 9.34
CA THR A 67 -8.74 -0.20 7.98
C THR A 67 -9.61 0.95 7.47
N GLU A 68 -10.88 1.06 7.91
CA GLU A 68 -11.72 2.22 7.49
C GLU A 68 -11.11 3.55 7.98
N ASN A 69 -10.40 3.46 9.09
CA ASN A 69 -9.62 4.59 9.66
C ASN A 69 -8.19 4.62 9.22
N THR A 70 -7.53 3.44 9.13
CA THR A 70 -6.10 3.45 8.85
C THR A 70 -5.87 3.96 7.43
N GLN A 71 -6.75 3.62 6.50
CA GLN A 71 -6.48 4.03 5.09
C GLN A 71 -6.38 5.57 4.93
N PRO A 72 -7.39 6.34 5.36
CA PRO A 72 -7.24 7.79 5.24
C PRO A 72 -6.13 8.29 6.16
N ALA A 73 -5.85 7.62 7.29
CA ALA A 73 -4.72 8.09 8.11
C ALA A 73 -3.37 7.97 7.40
N LEU A 74 -3.13 6.88 6.70
CA LEU A 74 -1.88 6.66 6.01
C LEU A 74 -1.80 7.61 4.82
N LEU A 75 -2.88 7.71 4.02
CA LEU A 75 -2.85 8.68 2.92
C LEU A 75 -2.52 10.08 3.42
N THR A 76 -3.16 10.47 4.54
CA THR A 76 -2.96 11.81 5.06
C THR A 76 -1.52 12.00 5.50
N HIS A 77 -0.91 11.03 6.21
CA HIS A 77 0.46 11.19 6.70
C HIS A 77 1.42 11.25 5.53
N SER A 78 1.33 10.34 4.56
CA SER A 78 2.22 10.33 3.43
C SER A 78 2.07 11.60 2.59
N SER A 79 0.81 12.05 2.42
CA SER A 79 0.60 13.26 1.56
C SER A 79 1.10 14.49 2.31
N ALA A 80 1.00 14.52 3.63
CA ALA A 80 1.44 15.71 4.39
C ALA A 80 2.95 15.80 4.30
N LEU A 81 3.63 14.67 4.43
CA LEU A 81 5.09 14.64 4.24
C LEU A 81 5.43 15.07 2.86
N LEU A 82 4.76 14.51 1.86
CA LEU A 82 5.03 14.83 0.46
C LEU A 82 4.90 16.34 0.22
N ALA A 83 3.88 16.99 0.79
CA ALA A 83 3.57 18.44 0.51
C ALA A 83 4.76 19.23 1.13
N ALA A 84 5.44 18.74 2.17
CA ALA A 84 6.50 19.49 2.88
C ALA A 84 7.84 19.36 2.19
N LEU A 85 8.04 18.33 1.36
CA LEU A 85 9.29 18.06 0.71
C LEU A 85 9.52 18.96 -0.52
N LYS A 86 10.71 19.52 -0.54
CA LYS A 86 11.18 20.36 -1.68
C LYS A 86 12.02 19.59 -2.70
N ASN A 87 11.77 19.91 -3.99
CA ASN A 87 12.48 19.32 -5.11
C ASN A 87 12.63 17.85 -5.01
N LEU A 88 11.47 17.26 -4.82
CA LEU A 88 11.40 15.87 -4.95
C LEU A 88 10.97 15.80 -6.42
N ASN A 89 11.82 15.06 -7.12
CA ASN A 89 11.84 14.93 -8.58
C ASN A 89 11.74 13.46 -8.95
N PRO A 90 10.60 12.81 -8.60
CA PRO A 90 10.55 11.41 -8.94
C PRO A 90 10.42 11.14 -10.43
N ASP A 91 11.03 10.05 -10.85
CA ASP A 91 10.82 9.51 -12.19
C ASP A 91 9.61 8.54 -12.25
N PHE A 92 9.30 7.92 -11.08
CA PHE A 92 8.18 6.95 -11.04
C PHE A 92 7.72 6.91 -9.57
N THR A 93 6.60 6.20 -9.40
CA THR A 93 6.11 5.98 -8.02
C THR A 93 5.37 4.67 -7.99
N MET A 94 5.26 4.14 -6.77
CA MET A 94 4.38 2.97 -6.48
C MET A 94 4.06 2.99 -5.01
N GLY A 95 2.99 2.30 -4.66
CA GLY A 95 2.64 2.21 -3.19
C GLY A 95 1.93 0.89 -2.94
N HIS A 96 2.00 0.44 -1.68
CA HIS A 96 1.50 -0.92 -1.38
C HIS A 96 0.03 -0.89 -0.98
N SER A 97 -0.84 -1.36 -1.89
CA SER A 97 -2.28 -1.47 -1.63
C SER A 97 -2.87 -0.07 -1.40
N LEU A 98 -3.18 0.33 -0.16
CA LEU A 98 -3.57 1.72 0.10
C LEU A 98 -2.50 2.69 -0.49
N GLY A 99 -1.24 2.35 -0.29
CA GLY A 99 -0.16 3.23 -0.73
C GLY A 99 -0.25 3.68 -2.19
N GLU A 100 -0.92 2.85 -3.04
CA GLU A 100 -1.03 3.24 -4.44
C GLU A 100 -1.80 4.54 -4.53
N TYR A 101 -2.74 4.78 -3.62
CA TYR A 101 -3.50 6.08 -3.62
C TYR A 101 -2.57 7.24 -3.30
N SER A 102 -1.61 7.06 -2.42
CA SER A 102 -0.65 8.10 -2.18
C SER A 102 0.15 8.36 -3.47
N SER A 103 0.45 7.30 -4.21
CA SER A 103 1.14 7.50 -5.53
C SER A 103 0.22 8.34 -6.43
N LEU A 104 -1.09 8.09 -6.42
CA LEU A 104 -2.06 8.81 -7.32
C LEU A 104 -2.08 10.25 -6.93
N VAL A 105 -2.01 10.58 -5.64
CA VAL A 105 -1.96 12.01 -5.25
C VAL A 105 -0.60 12.57 -5.69
N ALA A 106 0.50 11.84 -5.51
CA ALA A 106 1.86 12.32 -5.83
C ALA A 106 1.95 12.67 -7.36
N ALA A 107 1.28 11.85 -8.18
CA ALA A 107 1.37 11.96 -9.67
C ALA A 107 0.22 12.80 -10.18
N ASP A 108 -0.58 13.43 -9.32
CA ASP A 108 -1.68 14.30 -9.74
C ASP A 108 -2.76 13.62 -10.54
N VAL A 109 -2.86 12.29 -10.36
CA VAL A 109 -4.07 11.59 -10.81
C VAL A 109 -5.30 12.01 -10.07
N LEU A 110 -5.17 12.15 -8.75
CA LEU A 110 -6.24 12.53 -7.89
C LEU A 110 -5.73 13.69 -7.01
N SER A 111 -6.63 14.59 -6.66
CA SER A 111 -6.29 15.59 -5.65
C SER A 111 -6.31 14.91 -4.24
N PHE A 112 -5.65 15.52 -3.26
CA PHE A 112 -5.66 14.88 -1.95
C PHE A 112 -7.09 14.78 -1.43
N GLU A 113 -7.96 15.81 -1.53
CA GLU A 113 -9.30 15.77 -0.97
C GLU A 113 -10.13 14.72 -1.64
N ASP A 114 -9.95 14.52 -2.96
CA ASP A 114 -10.73 13.45 -3.65
C ASP A 114 -10.17 12.08 -3.11
N ALA A 115 -8.86 11.90 -3.10
CA ALA A 115 -8.25 10.59 -2.66
C ALA A 115 -8.56 10.25 -1.23
N VAL A 116 -8.67 11.25 -0.33
CA VAL A 116 -8.93 10.90 1.09
C VAL A 116 -10.38 10.38 1.26
N LYS A 117 -11.29 10.95 0.43
CA LYS A 117 -12.68 10.46 0.45
C LYS A 117 -12.74 9.09 -0.20
N ILE A 118 -11.98 8.92 -1.28
CA ILE A 118 -12.01 7.63 -1.96
C ILE A 118 -11.47 6.49 -1.02
N VAL A 119 -10.36 6.77 -0.32
CA VAL A 119 -9.81 5.67 0.48
C VAL A 119 -10.60 5.48 1.76
N ARG A 120 -11.28 6.53 2.30
CA ARG A 120 -12.20 6.27 3.36
C ARG A 120 -13.31 5.31 2.90
N LYS A 121 -13.92 5.54 1.70
CA LYS A 121 -14.91 4.60 1.26
C LYS A 121 -14.31 3.20 0.99
N ARG A 122 -13.11 3.16 0.41
CA ARG A 122 -12.44 1.84 0.15
C ARG A 122 -12.31 1.05 1.47
N GLY A 123 -11.87 1.75 2.54
CA GLY A 123 -11.69 1.11 3.85
C GLY A 123 -13.03 0.65 4.42
N GLN A 124 -14.08 1.49 4.30
CA GLN A 124 -15.40 1.10 4.87
C GLN A 124 -15.98 -0.07 4.06
N LEU A 125 -15.79 -0.09 2.76
CA LEU A 125 -16.33 -1.20 1.96
C LEU A 125 -15.55 -2.47 2.28
N MET A 126 -14.23 -2.35 2.41
CA MET A 126 -13.45 -3.56 2.74
C MET A 126 -13.83 -4.07 4.13
N ALA A 127 -13.92 -3.18 5.09
CA ALA A 127 -14.26 -3.54 6.50
C ALA A 127 -15.63 -4.24 6.58
N GLN A 128 -16.56 -3.88 5.71
CA GLN A 128 -17.94 -4.41 5.74
C GLN A 128 -18.19 -5.50 4.76
N ALA A 129 -17.19 -5.95 4.01
CA ALA A 129 -17.44 -6.85 2.89
C ALA A 129 -18.00 -8.19 3.41
N PHE A 130 -17.43 -8.72 4.48
CA PHE A 130 -17.84 -10.03 5.02
C PHE A 130 -18.00 -9.93 6.53
N PRO A 131 -18.96 -10.69 7.08
CA PRO A 131 -19.07 -10.75 8.51
C PRO A 131 -17.82 -11.28 9.20
N THR A 132 -17.63 -10.94 10.46
CA THR A 132 -16.47 -11.39 11.25
C THR A 132 -16.39 -12.92 11.15
N GLY A 133 -15.17 -13.42 10.88
CA GLY A 133 -14.99 -14.80 10.94
C GLY A 133 -15.03 -15.52 9.58
N VAL A 134 -15.48 -14.84 8.50
CA VAL A 134 -15.65 -15.50 7.17
C VAL A 134 -14.31 -15.52 6.43
N GLY A 135 -13.60 -14.37 6.38
CA GLY A 135 -12.35 -14.31 5.57
C GLY A 135 -11.25 -13.71 6.37
N SER A 136 -10.05 -14.10 6.00
CA SER A 136 -8.90 -13.58 6.75
C SER A 136 -7.64 -13.60 5.88
N MET A 137 -6.48 -13.31 6.51
CA MET A 137 -5.15 -13.26 5.78
C MET A 137 -4.13 -13.80 6.71
N ALA A 138 -3.04 -14.34 6.12
CA ALA A 138 -1.92 -14.76 6.96
C ALA A 138 -0.62 -14.54 6.19
N ALA A 139 0.42 -14.18 6.95
CA ALA A 139 1.74 -14.05 6.30
C ALA A 139 2.47 -15.40 6.35
N VAL A 140 2.87 -15.85 5.17
CA VAL A 140 3.67 -17.12 5.10
C VAL A 140 5.14 -16.67 4.94
N LEU A 141 5.98 -17.06 5.90
CA LEU A 141 7.36 -16.58 5.87
C LEU A 141 8.22 -17.78 5.52
N GLY A 142 9.26 -17.53 4.73
CA GLY A 142 10.33 -18.54 4.56
C GLY A 142 10.12 -19.49 3.42
N LEU A 143 9.10 -19.30 2.58
CA LEU A 143 8.88 -20.21 1.49
C LEU A 143 8.89 -19.53 0.16
N ASP A 144 9.38 -20.19 -0.89
CA ASP A 144 9.31 -19.61 -2.23
C ASP A 144 7.87 -19.45 -2.70
N PHE A 145 7.61 -18.48 -3.59
CA PHE A 145 6.26 -18.25 -4.10
C PHE A 145 5.65 -19.55 -4.66
N ASP A 146 6.46 -20.32 -5.42
CA ASP A 146 5.88 -21.51 -6.07
C ASP A 146 5.37 -22.55 -5.02
N LYS A 147 6.08 -22.65 -3.90
CA LYS A 147 5.66 -23.54 -2.86
C LYS A 147 4.41 -22.99 -2.15
N VAL A 148 4.37 -21.69 -1.92
CA VAL A 148 3.15 -21.08 -1.30
C VAL A 148 1.97 -21.27 -2.22
N ASP A 149 2.14 -21.09 -3.52
CA ASP A 149 1.02 -21.20 -4.44
C ASP A 149 0.57 -22.68 -4.48
N GLU A 150 1.54 -23.62 -4.46
CA GLU A 150 1.10 -25.02 -4.38
C GLU A 150 0.27 -25.33 -3.17
N ILE A 151 0.76 -24.87 -2.01
CA ILE A 151 0.02 -25.07 -0.79
C ILE A 151 -1.39 -24.50 -0.87
N CYS A 152 -1.48 -23.29 -1.40
CA CYS A 152 -2.82 -22.70 -1.60
C CYS A 152 -3.75 -23.53 -2.51
N LYS A 153 -3.14 -24.09 -3.54
CA LYS A 153 -3.95 -24.97 -4.44
C LYS A 153 -4.36 -26.27 -3.75
N SER A 154 -3.51 -26.81 -2.87
CA SER A 154 -3.87 -27.96 -2.11
C SER A 154 -5.01 -27.71 -1.15
N LEU A 155 -4.94 -26.56 -0.43
CA LEU A 155 -5.95 -26.36 0.61
C LEU A 155 -7.30 -25.89 0.04
N SER A 156 -7.24 -25.22 -1.12
CA SER A 156 -8.47 -24.72 -1.77
C SER A 156 -9.31 -25.91 -2.17
N SER A 157 -10.50 -25.98 -1.65
CA SER A 157 -11.36 -27.17 -1.75
C SER A 157 -12.70 -26.89 -1.09
N ASP A 158 -13.69 -27.73 -1.41
CA ASP A 158 -15.02 -27.67 -0.69
C ASP A 158 -15.62 -26.23 -0.85
N ASP A 159 -15.39 -25.65 -2.03
CA ASP A 159 -15.86 -24.30 -2.42
C ASP A 159 -15.21 -23.17 -1.59
N LYS A 160 -14.08 -23.48 -0.96
CA LYS A 160 -13.38 -22.47 -0.15
C LYS A 160 -12.06 -22.23 -0.85
N ILE A 161 -11.55 -21.04 -0.72
CA ILE A 161 -10.32 -20.67 -1.43
C ILE A 161 -9.34 -19.93 -0.52
N ILE A 162 -8.06 -20.13 -0.83
CA ILE A 162 -6.98 -19.31 -0.24
C ILE A 162 -6.03 -19.00 -1.39
N GLU A 163 -5.53 -17.78 -1.49
CA GLU A 163 -4.75 -17.37 -2.66
C GLU A 163 -3.60 -16.49 -2.20
N PRO A 164 -2.48 -16.43 -2.94
CA PRO A 164 -1.43 -15.43 -2.64
C PRO A 164 -2.08 -14.08 -2.89
N ALA A 165 -1.84 -13.18 -1.94
CA ALA A 165 -2.44 -11.86 -1.94
C ALA A 165 -1.41 -10.75 -2.02
N ASN A 166 -0.45 -10.73 -1.09
CA ASN A 166 0.53 -9.67 -1.12
C ASN A 166 1.85 -10.37 -1.35
N ILE A 167 2.45 -10.14 -2.51
CA ILE A 167 3.69 -10.77 -2.93
C ILE A 167 4.81 -9.76 -2.61
N ASN A 168 5.33 -9.86 -1.41
CA ASN A 168 6.12 -8.75 -0.80
C ASN A 168 7.60 -8.81 -1.04
N CYS A 169 8.24 -9.92 -0.71
CA CYS A 169 9.70 -10.08 -0.97
C CYS A 169 9.96 -11.56 -0.91
N PRO A 170 11.12 -12.00 -1.36
CA PRO A 170 11.46 -13.42 -1.18
C PRO A 170 11.31 -13.80 0.26
N GLY A 171 10.50 -14.86 0.50
CA GLY A 171 10.25 -15.35 1.87
C GLY A 171 9.14 -14.64 2.61
N GLN A 172 8.42 -13.71 1.93
CA GLN A 172 7.28 -13.12 2.65
C GLN A 172 6.12 -12.99 1.64
N ILE A 173 5.12 -13.89 1.75
CA ILE A 173 3.94 -13.94 0.87
C ILE A 173 2.74 -13.96 1.79
N VAL A 174 1.88 -12.93 1.68
CA VAL A 174 0.65 -12.97 2.46
C VAL A 174 -0.38 -13.64 1.61
N VAL A 175 -1.12 -14.58 2.23
CA VAL A 175 -2.18 -15.28 1.54
C VAL A 175 -3.54 -14.81 2.14
N SER A 176 -4.61 -15.02 1.37
CA SER A 176 -5.92 -14.50 1.77
C SER A 176 -7.03 -15.39 1.29
N GLY A 177 -8.12 -15.43 2.05
CA GLY A 177 -9.28 -16.22 1.56
C GLY A 177 -10.16 -16.64 2.72
N HIS A 178 -10.88 -17.76 2.56
CA HIS A 178 -11.78 -18.18 3.66
C HIS A 178 -11.02 -18.44 4.93
N LYS A 179 -11.58 -17.99 6.08
CA LYS A 179 -10.83 -18.10 7.35
C LYS A 179 -10.55 -19.56 7.73
N ALA A 180 -11.50 -20.47 7.42
CA ALA A 180 -11.23 -21.87 7.76
C ALA A 180 -9.94 -22.37 7.14
N LEU A 181 -9.67 -21.95 5.91
CA LEU A 181 -8.44 -22.39 5.22
C LEU A 181 -7.24 -21.61 5.69
N ILE A 182 -7.40 -20.32 6.00
CA ILE A 182 -6.30 -19.55 6.61
C ILE A 182 -5.87 -20.21 7.92
N ASP A 183 -6.86 -20.65 8.71
CA ASP A 183 -6.53 -21.19 10.04
C ASP A 183 -5.88 -22.58 9.85
N GLU A 184 -6.30 -23.34 8.84
CA GLU A 184 -5.65 -24.65 8.59
C GLU A 184 -4.19 -24.41 8.22
N LEU A 185 -3.92 -23.40 7.40
CA LEU A 185 -2.51 -23.07 7.06
C LEU A 185 -1.71 -22.64 8.29
N VAL A 186 -2.30 -21.77 9.10
CA VAL A 186 -1.67 -21.35 10.36
C VAL A 186 -1.28 -22.65 11.17
N GLU A 187 -2.22 -23.56 11.28
CA GLU A 187 -1.98 -24.77 12.14
C GLU A 187 -0.92 -25.65 11.53
N LYS A 188 -0.98 -25.87 10.22
CA LYS A 188 -0.06 -26.80 9.55
C LYS A 188 1.18 -26.19 9.01
N GLY A 189 1.30 -24.84 9.02
CA GLY A 189 2.43 -24.13 8.31
C GLY A 189 3.82 -24.62 8.65
N LYS A 190 4.13 -24.80 9.95
CA LYS A 190 5.48 -25.32 10.33
C LYS A 190 5.73 -26.71 9.75
N SER A 191 4.77 -27.58 9.88
CA SER A 191 4.91 -28.96 9.33
C SER A 191 5.13 -28.95 7.82
N LEU A 192 4.55 -27.97 7.13
CA LEU A 192 4.77 -27.83 5.68
C LEU A 192 6.05 -27.14 5.28
N GLY A 193 6.84 -26.70 6.27
CA GLY A 193 8.16 -26.10 5.97
C GLY A 193 8.20 -24.58 5.96
N ALA A 194 7.09 -23.91 6.32
CA ALA A 194 7.14 -22.47 6.45
C ALA A 194 7.92 -22.19 7.72
N LYS A 195 8.72 -21.13 7.71
CA LYS A 195 9.40 -20.66 8.92
C LYS A 195 8.35 -20.20 9.93
N ARG A 196 7.32 -19.52 9.45
CA ARG A 196 6.24 -19.08 10.33
C ARG A 196 5.03 -18.61 9.55
N VAL A 197 3.84 -19.09 9.94
CA VAL A 197 2.61 -18.67 9.26
C VAL A 197 1.89 -17.83 10.33
N MET A 198 1.89 -16.50 10.14
CA MET A 198 1.29 -15.56 11.12
C MET A 198 -0.09 -15.12 10.66
N PRO A 199 -1.18 -15.48 11.40
CA PRO A 199 -2.46 -14.96 11.04
C PRO A 199 -2.39 -13.46 11.32
N LEU A 200 -3.07 -12.68 10.49
CA LEU A 200 -2.99 -11.22 10.56
C LEU A 200 -4.27 -10.60 11.11
N ALA A 201 -4.14 -9.42 11.69
CA ALA A 201 -5.31 -8.68 12.16
C ALA A 201 -5.97 -7.96 11.01
N VAL A 202 -6.92 -8.60 10.36
CA VAL A 202 -7.64 -8.07 9.22
C VAL A 202 -9.12 -8.42 9.37
N SER A 203 -9.95 -7.59 8.76
CA SER A 203 -11.39 -7.86 8.83
C SER A 203 -11.94 -8.70 7.71
N GLY A 204 -11.11 -8.96 6.70
CA GLY A 204 -11.67 -9.78 5.66
C GLY A 204 -10.56 -10.36 4.77
N PRO A 205 -10.93 -10.97 3.64
CA PRO A 205 -10.05 -11.73 2.77
C PRO A 205 -9.57 -10.75 1.69
N PHE A 206 -8.79 -9.76 2.13
CA PHE A 206 -8.38 -8.69 1.21
C PHE A 206 -7.44 -9.19 0.12
N HIS A 207 -7.52 -8.57 -1.04
CA HIS A 207 -6.68 -8.92 -2.22
C HIS A 207 -6.83 -10.39 -2.61
N SER A 208 -7.99 -10.95 -2.33
CA SER A 208 -8.38 -12.29 -2.89
C SER A 208 -9.60 -12.06 -3.79
N SER A 209 -9.86 -13.05 -4.63
CA SER A 209 -11.02 -13.01 -5.56
C SER A 209 -12.39 -12.85 -4.83
N LEU A 210 -12.43 -13.17 -3.51
CA LEU A 210 -13.64 -12.91 -2.75
C LEU A 210 -14.02 -11.42 -2.68
N MET A 211 -13.03 -10.51 -2.85
CA MET A 211 -13.34 -9.08 -2.73
C MET A 211 -14.10 -8.55 -3.96
N LYS A 212 -14.35 -9.42 -4.96
CA LYS A 212 -15.25 -8.94 -6.04
C LYS A 212 -16.59 -8.48 -5.53
N VAL A 213 -17.00 -8.87 -4.32
CA VAL A 213 -18.28 -8.46 -3.74
C VAL A 213 -18.41 -6.94 -3.59
N ILE A 214 -17.28 -6.21 -3.53
CA ILE A 214 -17.37 -4.75 -3.34
C ILE A 214 -17.00 -3.96 -4.60
N GLU A 215 -16.74 -4.67 -5.69
CA GLU A 215 -16.34 -4.03 -6.97
C GLU A 215 -17.39 -3.02 -7.41
N GLU A 216 -18.65 -3.41 -7.42
CA GLU A 216 -19.63 -2.47 -7.98
C GLU A 216 -19.79 -1.21 -7.13
N ASP A 217 -19.85 -1.36 -5.82
CA ASP A 217 -20.04 -0.22 -4.94
C ASP A 217 -18.82 0.74 -5.06
N PHE A 218 -17.64 0.15 -5.14
CA PHE A 218 -16.44 0.97 -5.24
C PHE A 218 -16.37 1.69 -6.59
N SER A 219 -16.61 0.98 -7.69
CA SER A 219 -16.65 1.61 -9.03
C SER A 219 -17.66 2.70 -9.08
N SER A 220 -18.82 2.53 -8.46
CA SER A 220 -19.83 3.58 -8.46
C SER A 220 -19.35 4.85 -7.73
N TYR A 221 -18.79 4.70 -6.57
CA TYR A 221 -18.30 5.85 -5.80
C TYR A 221 -17.17 6.60 -6.50
N ILE A 222 -16.20 5.88 -7.03
CA ILE A 222 -15.05 6.55 -7.63
C ILE A 222 -15.45 7.40 -8.89
N ASN A 223 -16.62 7.14 -9.41
CA ASN A 223 -17.12 7.95 -10.56
C ASN A 223 -17.56 9.30 -10.11
N GLN A 224 -17.66 9.49 -8.81
CA GLN A 224 -17.99 10.85 -8.29
C GLN A 224 -16.80 11.81 -8.35
N PHE A 225 -15.61 11.39 -8.81
CA PHE A 225 -14.47 12.26 -8.78
C PHE A 225 -13.86 12.32 -10.14
N GLU A 226 -13.05 13.34 -10.40
CA GLU A 226 -12.36 13.48 -11.66
C GLU A 226 -10.98 12.85 -11.53
N TRP A 227 -10.68 11.91 -12.41
CA TRP A 227 -9.39 11.29 -12.49
C TRP A 227 -8.60 11.91 -13.63
N ARG A 228 -7.34 12.21 -13.38
CA ARG A 228 -6.45 12.76 -14.39
C ARG A 228 -5.38 11.87 -14.81
N ASP A 229 -4.75 12.14 -15.95
CA ASP A 229 -3.56 11.38 -16.33
C ASP A 229 -2.43 11.59 -15.29
N ALA A 230 -1.49 10.64 -15.17
CA ALA A 230 -0.41 10.79 -14.19
C ALA A 230 0.70 11.66 -14.81
N LYS A 231 1.33 12.50 -13.99
CA LYS A 231 2.46 13.29 -14.47
C LYS A 231 3.77 12.51 -14.58
N PHE A 232 3.87 11.31 -13.99
CA PHE A 232 5.01 10.40 -14.16
C PHE A 232 4.35 9.01 -13.86
N PRO A 233 4.97 7.92 -14.35
CA PRO A 233 4.28 6.60 -14.28
C PRO A 233 4.11 6.11 -12.81
N VAL A 234 2.92 5.55 -12.61
CA VAL A 234 2.52 4.88 -11.33
C VAL A 234 2.67 3.40 -11.67
N VAL A 235 3.54 2.67 -10.98
CA VAL A 235 3.68 1.22 -11.22
C VAL A 235 2.58 0.56 -10.41
N GLN A 236 1.57 0.03 -11.07
CA GLN A 236 0.35 -0.43 -10.39
C GLN A 236 0.50 -1.83 -9.81
N ASN A 237 -0.16 -2.04 -8.65
CA ASN A 237 -0.07 -3.30 -7.96
C ASN A 237 -0.61 -4.48 -8.77
N VAL A 238 -1.64 -4.23 -9.60
CA VAL A 238 -2.37 -5.36 -10.30
C VAL A 238 -1.43 -5.97 -11.33
N ASN A 239 -0.66 -5.13 -12.04
CA ASN A 239 0.11 -5.64 -13.24
C ASN A 239 1.58 -5.35 -13.22
N ALA A 240 2.04 -4.64 -12.18
CA ALA A 240 3.50 -4.39 -12.00
C ALA A 240 4.10 -3.69 -13.19
N GLN A 241 3.39 -2.76 -13.78
CA GLN A 241 4.02 -1.96 -14.84
C GLN A 241 3.61 -0.51 -14.69
N GLY A 242 4.45 0.42 -15.18
CA GLY A 242 4.12 1.88 -15.16
C GLY A 242 2.94 2.22 -16.00
N GLU A 243 2.06 3.02 -15.44
CA GLU A 243 0.82 3.43 -16.15
C GLU A 243 0.70 4.94 -16.02
N THR A 244 0.18 5.63 -17.03
CA THR A 244 -0.11 7.08 -16.94
C THR A 244 -1.51 7.42 -17.34
N ASP A 245 -2.17 6.53 -18.07
CA ASP A 245 -3.54 6.81 -18.52
C ASP A 245 -4.53 6.89 -17.36
N LYS A 246 -5.37 7.93 -17.34
CA LYS A 246 -6.38 8.03 -16.32
C LYS A 246 -7.36 6.88 -16.30
N GLU A 247 -7.81 6.38 -17.48
CA GLU A 247 -8.84 5.31 -17.52
C GLU A 247 -8.18 3.96 -17.22
N VAL A 248 -6.93 3.77 -17.62
CA VAL A 248 -6.29 2.54 -17.32
C VAL A 248 -6.02 2.50 -15.78
N ILE A 249 -5.52 3.60 -15.25
CA ILE A 249 -5.23 3.61 -13.78
C ILE A 249 -6.51 3.40 -13.01
N LYS A 250 -7.59 4.08 -13.36
CA LYS A 250 -8.85 3.97 -12.61
C LYS A 250 -9.36 2.51 -12.66
N SER A 251 -9.34 1.90 -13.85
CA SER A 251 -9.83 0.52 -13.96
C SER A 251 -8.96 -0.41 -13.12
N ASN A 252 -7.67 -0.15 -13.07
CA ASN A 252 -6.74 -0.97 -12.26
C ASN A 252 -6.91 -0.73 -10.77
N MET A 253 -7.50 0.39 -10.36
CA MET A 253 -7.76 0.52 -8.94
C MET A 253 -8.94 -0.33 -8.54
N VAL A 254 -9.95 -0.50 -9.43
CA VAL A 254 -10.99 -1.41 -9.07
C VAL A 254 -10.44 -2.89 -9.06
N LYS A 255 -9.64 -3.25 -10.07
CA LYS A 255 -9.08 -4.65 -10.12
C LYS A 255 -8.16 -4.91 -8.91
N GLN A 256 -7.53 -3.85 -8.42
CA GLN A 256 -6.57 -3.95 -7.31
C GLN A 256 -7.26 -4.61 -6.09
N LEU A 257 -8.54 -4.35 -5.92
CA LEU A 257 -9.30 -4.86 -4.74
C LEU A 257 -9.22 -6.36 -4.66
N TYR A 258 -9.30 -7.03 -5.79
CA TYR A 258 -9.49 -8.47 -5.75
C TYR A 258 -8.36 -9.21 -6.37
N SER A 259 -7.25 -8.52 -6.59
CA SER A 259 -6.06 -9.08 -7.22
C SER A 259 -4.87 -9.00 -6.29
N PRO A 260 -3.90 -9.88 -6.43
CA PRO A 260 -2.70 -9.86 -5.57
C PRO A 260 -1.89 -8.57 -5.81
N VAL A 261 -1.24 -8.07 -4.75
CA VAL A 261 -0.30 -6.95 -4.84
C VAL A 261 1.01 -7.44 -5.30
N GLN A 262 1.36 -7.06 -6.53
CA GLN A 262 2.63 -7.54 -7.14
C GLN A 262 3.81 -6.71 -6.72
N PHE A 263 4.14 -6.69 -5.43
CA PHE A 263 5.23 -5.79 -5.01
C PHE A 263 6.60 -6.19 -5.50
N ILE A 264 6.90 -7.49 -5.50
CA ILE A 264 8.22 -7.93 -6.02
C ILE A 264 8.31 -7.52 -7.51
N ASN A 265 7.30 -7.85 -8.33
CA ASN A 265 7.49 -7.61 -9.78
C ASN A 265 7.52 -6.12 -10.06
N SER A 266 6.77 -5.34 -9.28
CA SER A 266 6.78 -3.86 -9.46
C SER A 266 8.16 -3.31 -9.08
N THR A 267 8.78 -3.76 -7.98
CA THR A 267 10.11 -3.34 -7.62
C THR A 267 11.09 -3.70 -8.74
N GLU A 268 10.97 -4.93 -9.24
CA GLU A 268 11.90 -5.41 -10.30
C GLU A 268 11.72 -4.59 -11.58
N TRP A 269 10.50 -4.21 -11.92
CA TRP A 269 10.23 -3.46 -13.15
C TRP A 269 10.88 -2.12 -13.02
N LEU A 270 10.86 -1.53 -11.82
CA LEU A 270 11.39 -0.23 -11.66
C LEU A 270 12.87 -0.29 -11.73
N ILE A 271 13.48 -1.31 -11.14
CA ILE A 271 14.96 -1.44 -11.20
C ILE A 271 15.39 -1.70 -12.68
N ASP A 272 14.61 -2.44 -13.42
CA ASP A 272 14.91 -2.66 -14.82
C ASP A 272 14.75 -1.38 -15.69
N GLN A 273 14.10 -0.36 -15.19
CA GLN A 273 14.09 0.90 -15.92
C GLN A 273 15.18 1.85 -15.48
N GLY A 274 16.00 1.40 -14.58
CA GLY A 274 17.12 2.23 -14.06
C GLY A 274 16.88 2.96 -12.75
N VAL A 275 15.77 2.61 -12.05
CA VAL A 275 15.66 3.09 -10.68
C VAL A 275 16.66 2.46 -9.79
N ASP A 276 17.49 3.32 -9.19
CA ASP A 276 18.48 2.85 -8.22
C ASP A 276 18.38 3.57 -6.86
N HIS A 277 17.30 4.31 -6.71
CA HIS A 277 17.09 4.99 -5.42
C HIS A 277 15.56 5.02 -5.22
N PHE A 278 15.15 4.41 -4.09
CA PHE A 278 13.75 4.43 -3.71
C PHE A 278 13.67 5.27 -2.42
N ILE A 279 12.69 6.14 -2.40
CA ILE A 279 12.44 7.03 -1.25
C ILE A 279 11.05 6.66 -0.77
N GLU A 280 11.05 6.06 0.45
CA GLU A 280 9.77 5.72 1.15
C GLU A 280 9.29 6.90 1.97
N ILE A 281 8.01 7.23 1.85
CA ILE A 281 7.49 8.45 2.49
C ILE A 281 6.20 8.04 3.25
N GLY A 282 6.27 8.11 4.60
CA GLY A 282 5.15 7.60 5.41
C GLY A 282 5.76 7.14 6.72
N PRO A 283 4.93 6.59 7.58
CA PRO A 283 5.38 6.07 8.82
C PRO A 283 6.05 4.71 8.58
N GLY A 284 7.08 4.43 9.42
CA GLY A 284 7.79 3.17 9.26
C GLY A 284 8.75 3.12 8.07
N LYS A 285 9.42 1.99 7.91
CA LYS A 285 10.28 1.79 6.75
C LYS A 285 10.04 0.38 6.23
N VAL A 286 8.79 -0.05 6.24
CA VAL A 286 8.50 -1.42 5.85
C VAL A 286 8.82 -1.68 4.39
N LEU A 287 8.51 -0.75 3.51
CA LEU A 287 8.78 -1.08 2.04
C LEU A 287 10.31 -1.09 1.82
N SER A 288 11.05 -0.24 2.54
CA SER A 288 12.50 -0.23 2.40
C SER A 288 13.03 -1.57 2.78
N GLY A 289 12.42 -2.20 3.82
CA GLY A 289 12.87 -3.56 4.21
C GLY A 289 12.59 -4.59 3.16
N LEU A 290 11.44 -4.49 2.49
CA LEU A 290 11.08 -5.45 1.48
C LEU A 290 12.03 -5.23 0.30
N ILE A 291 12.27 -3.98 -0.09
CA ILE A 291 13.15 -3.77 -1.28
C ILE A 291 14.56 -4.28 -1.01
N LYS A 292 15.06 -4.08 0.22
CA LYS A 292 16.39 -4.60 0.57
C LYS A 292 16.48 -6.09 0.34
N LYS A 293 15.43 -6.85 0.57
CA LYS A 293 15.43 -8.30 0.35
C LYS A 293 15.29 -8.65 -1.10
N ILE A 294 14.74 -7.74 -1.87
CA ILE A 294 14.58 -7.92 -3.34
C ILE A 294 15.90 -7.60 -4.07
N ASN A 295 16.50 -6.47 -3.72
CA ASN A 295 17.76 -6.04 -4.37
C ASN A 295 18.61 -5.30 -3.37
N ARG A 296 19.76 -5.85 -3.04
CA ARG A 296 20.58 -5.27 -2.00
C ARG A 296 21.49 -4.14 -2.45
N ASP A 297 21.46 -3.77 -3.71
CA ASP A 297 22.36 -2.78 -4.25
C ASP A 297 21.72 -1.42 -4.45
N VAL A 298 20.40 -1.34 -4.53
CA VAL A 298 19.79 -0.04 -4.73
C VAL A 298 19.81 0.83 -3.43
N LYS A 299 19.78 2.14 -3.59
CA LYS A 299 19.80 3.02 -2.43
C LYS A 299 18.40 3.21 -1.84
N LEU A 300 18.30 3.23 -0.51
CA LEU A 300 16.99 3.36 0.16
C LEU A 300 17.02 4.53 1.09
N THR A 301 16.08 5.44 0.94
CA THR A 301 15.88 6.55 1.85
C THR A 301 14.50 6.46 2.47
N SER A 302 14.40 6.71 3.78
CA SER A 302 13.08 6.71 4.42
C SER A 302 12.80 8.13 4.96
N ILE A 303 11.64 8.69 4.64
CA ILE A 303 11.13 9.97 5.17
C ILE A 303 9.94 9.70 6.05
N GLN A 304 10.13 9.85 7.36
CA GLN A 304 9.08 9.50 8.36
C GLN A 304 8.68 10.73 9.17
N THR A 305 9.64 11.64 9.40
CA THR A 305 9.39 12.73 10.36
C THR A 305 9.63 14.08 9.76
N LEU A 306 9.23 15.10 10.53
CA LEU A 306 9.55 16.50 10.15
C LEU A 306 11.07 16.68 10.09
N GLU A 307 11.83 16.04 11.01
CA GLU A 307 13.29 16.13 10.93
C GLU A 307 13.85 15.51 9.64
N ASP A 308 13.26 14.41 9.16
CA ASP A 308 13.70 13.85 7.90
C ASP A 308 13.38 14.79 6.74
N VAL A 309 12.20 15.41 6.78
CA VAL A 309 11.82 16.43 5.76
C VAL A 309 12.87 17.58 5.78
N LYS A 310 13.21 18.08 6.96
CA LYS A 310 14.18 19.17 7.04
C LYS A 310 15.52 18.71 6.52
N GLY A 311 15.96 17.50 6.83
CA GLY A 311 17.22 17.02 6.37
C GLY A 311 17.21 16.93 4.83
N TRP A 312 16.14 16.42 4.22
CA TRP A 312 16.05 16.34 2.76
C TRP A 312 16.06 17.77 2.20
N ASN A 313 15.28 18.67 2.79
CA ASN A 313 15.12 20.03 2.21
C ASN A 313 16.43 20.81 2.39
CA CA B . -8.22 -0.08 -4.89
C ACT C . -8.63 -4.15 9.08
O ACT C . -9.41 -3.42 9.67
OXT ACT C . -9.22 -5.00 8.34
CH3 ACT C . -7.15 -4.07 9.19
S SO4 D . 2.70 -2.37 3.79
O1 SO4 D . 3.04 -1.17 3.02
O2 SO4 D . 2.92 -2.18 5.34
O3 SO4 D . 1.30 -2.56 3.43
O4 SO4 D . 3.64 -3.58 3.32
#